data_4CYP
#
_entry.id   4CYP
#
_cell.length_a   48.262
_cell.length_b   92.494
_cell.length_c   53.717
_cell.angle_alpha   90.00
_cell.angle_beta   112.93
_cell.angle_gamma   90.00
#
_symmetry.space_group_name_H-M   'P 1 21 1'
#
loop_
_entity.id
_entity.type
_entity.pdbx_description
1 polymer 'GLYCYLPEPTIDE N-TETRADECANOYLTRANSFERASE'
2 non-polymer 'MAGNESIUM ION'
3 non-polymer (3R)-4-(4-chlorophenyl)-1-[(3S,4R)-3-(4-chlorophenyl)-4-(hydroxymethyl)pyrrolidin-1-yl]-3-hydroxybutan-1-one
4 non-polymer TETRADECANOYL-COA
5 water water
#
_entity_poly.entity_id   1
_entity_poly.type   'polypeptide(L)'
_entity_poly.pdbx_seq_one_letter_code
;AHAFWSTQPVPQTEDETEKIVFAGPMDEPKTVADIPEEPYPIASTFEWWTPNMEAADDIHAIYELLRDNYVEDDDSMFRF
NYSEEFLQWALCPPNYIPDWHVAVRRKADKKLLAFIAGVPVTLRMGTPKYMKVKAQEKGEGEEAAKYDEPRHICEINFLC
VHKQLREKRLAPILIKEATRRVNRTNVWQAVYTAGVLLPTPYASGQYFHRSLNPEKLVEIRFSGIPAQYQKFQNPMAMLK
RNYQLPSAPKNSGLREMKPSDVPQVRRILMNYLDSFDVGPVFSDAEISHYLLPRDGVVFTYVVENDKKVTDFFSFYRIPS
TVIGNSNYNLLNAAYVHYYAATSIPLHQLILDLLIVAHSRGFDVCNMVEILDNRSFVEQLKFGAGDGHLRYYFYNWAYPK
IKPSQVALVML
;
_entity_poly.pdbx_strand_id   A
#
loop_
_chem_comp.id
_chem_comp.type
_chem_comp.name
_chem_comp.formula
A62 non-polymer (3R)-4-(4-chlorophenyl)-1-[(3S,4R)-3-(4-chlorophenyl)-4-(hydroxymethyl)pyrrolidin-1-yl]-3-hydroxybutan-1-one 'C21 H23 Cl2 N O3'
MG non-polymer 'MAGNESIUM ION' 'Mg 2'
MYA non-polymer TETRADECANOYL-COA 'C35 H62 N7 O17 P3 S'
#
# COMPACT_ATOMS: atom_id res chain seq x y z
N ALA A 1 -3.49 16.39 -23.35
CA ALA A 1 -2.76 16.58 -22.05
C ALA A 1 -2.39 15.19 -21.52
N HIS A 2 -3.26 14.19 -21.73
CA HIS A 2 -2.86 12.78 -21.44
C HIS A 2 -3.08 11.79 -22.63
N ALA A 3 -2.05 11.59 -23.45
CA ALA A 3 -2.10 10.77 -24.69
C ALA A 3 -2.44 9.32 -24.37
N PHE A 4 -1.95 8.81 -23.22
CA PHE A 4 -2.31 7.45 -22.84
C PHE A 4 -3.56 7.39 -22.02
N TRP A 5 -3.64 8.13 -20.90
CA TRP A 5 -4.77 8.03 -19.96
C TRP A 5 -6.12 8.45 -20.53
N SER A 6 -6.02 9.25 -21.58
CA SER A 6 -7.27 9.66 -22.26
C SER A 6 -7.95 8.53 -23.08
N THR A 7 -7.19 7.49 -23.39
CA THR A 7 -7.70 6.29 -24.11
C THR A 7 -8.22 5.19 -23.18
N GLN A 8 -8.17 5.41 -21.86
CA GLN A 8 -8.37 4.33 -20.85
C GLN A 8 -9.70 4.47 -20.14
N PRO A 9 -10.28 3.33 -19.66
CA PRO A 9 -11.57 3.45 -18.93
C PRO A 9 -11.51 3.87 -17.47
N VAL A 10 -11.25 5.16 -17.29
CA VAL A 10 -11.14 5.85 -16.02
C VAL A 10 -11.83 7.20 -16.22
N PRO A 11 -12.39 7.78 -15.13
CA PRO A 11 -13.00 9.12 -15.14
C PRO A 11 -11.92 10.10 -15.52
N GLN A 12 -12.28 11.07 -16.35
CA GLN A 12 -11.28 11.86 -17.04
CA GLN A 12 -11.23 11.84 -17.04
C GLN A 12 -10.92 13.20 -16.35
N THR A 13 -11.89 13.72 -15.59
CA THR A 13 -11.74 14.95 -14.87
C THR A 13 -12.46 14.89 -13.54
N GLU A 14 -12.12 15.82 -12.67
CA GLU A 14 -12.81 15.99 -11.40
C GLU A 14 -14.32 16.29 -11.49
N ASP A 15 -14.74 17.05 -12.49
CA ASP A 15 -16.17 17.33 -12.54
CA ASP A 15 -16.17 17.37 -12.64
C ASP A 15 -16.93 16.15 -13.14
N GLU A 16 -16.26 15.32 -13.93
CA GLU A 16 -16.84 14.02 -14.40
C GLU A 16 -17.03 13.11 -13.20
N THR A 17 -15.98 13.01 -12.35
CA THR A 17 -16.01 12.28 -11.06
C THR A 17 -17.13 12.80 -10.14
N GLU A 18 -17.37 14.10 -10.23
CA GLU A 18 -18.38 14.74 -9.44
C GLU A 18 -19.82 14.28 -9.82
N LYS A 19 -20.04 13.87 -11.07
CA LYS A 19 -21.36 13.42 -11.53
CA LYS A 19 -21.35 13.41 -11.55
C LYS A 19 -21.63 11.93 -11.20
N ILE A 20 -20.64 11.27 -10.59
CA ILE A 20 -20.77 9.86 -10.20
C ILE A 20 -21.48 9.68 -8.88
N VAL A 21 -22.54 8.88 -8.94
CA VAL A 21 -23.41 8.65 -7.82
C VAL A 21 -23.47 7.13 -7.48
N PHE A 22 -23.14 6.23 -8.40
CA PHE A 22 -23.19 4.81 -8.00
C PHE A 22 -21.88 4.18 -8.39
N ALA A 23 -21.45 3.19 -7.60
CA ALA A 23 -20.33 2.34 -8.05
C ALA A 23 -20.75 1.48 -9.23
N GLY A 24 -19.87 1.30 -10.18
CA GLY A 24 -20.01 0.32 -11.24
C GLY A 24 -18.99 0.44 -12.36
N PRO A 25 -19.01 -0.46 -13.35
CA PRO A 25 -17.99 -0.41 -14.37
C PRO A 25 -18.01 0.86 -15.24
N MET A 26 -16.87 1.30 -15.77
CA MET A 26 -16.86 2.40 -16.78
C MET A 26 -17.25 1.93 -18.15
N ASP A 27 -16.66 0.81 -18.58
CA ASP A 27 -16.63 0.26 -19.95
CA ASP A 27 -16.83 0.48 -20.01
C ASP A 27 -17.82 -0.66 -20.31
N GLU A 28 -17.82 -1.08 -21.57
CA GLU A 28 -18.70 -2.17 -22.05
C GLU A 28 -18.39 -3.51 -21.37
N PRO A 29 -19.41 -4.23 -20.84
CA PRO A 29 -19.04 -5.65 -20.56
C PRO A 29 -18.34 -6.36 -21.78
N LYS A 30 -17.30 -7.17 -21.51
CA LYS A 30 -16.44 -7.84 -22.49
CA LYS A 30 -16.56 -7.88 -22.54
C LYS A 30 -16.25 -9.28 -22.03
N THR A 31 -15.77 -10.20 -22.89
CA THR A 31 -15.44 -11.58 -22.47
C THR A 31 -14.00 -11.90 -22.71
N VAL A 32 -13.49 -12.93 -22.04
CA VAL A 32 -12.19 -13.49 -22.30
C VAL A 32 -11.99 -13.69 -23.82
N ALA A 33 -13.04 -14.25 -24.48
CA ALA A 33 -12.98 -14.56 -25.90
C ALA A 33 -12.64 -13.37 -26.78
N ASP A 34 -13.08 -12.17 -26.38
CA ASP A 34 -12.79 -10.94 -27.13
C ASP A 34 -11.36 -10.47 -27.05
N ILE A 35 -10.61 -10.95 -26.05
CA ILE A 35 -9.25 -10.42 -25.80
C ILE A 35 -8.21 -11.10 -26.63
N PRO A 36 -7.32 -10.35 -27.29
CA PRO A 36 -6.28 -10.93 -28.14
C PRO A 36 -5.47 -12.00 -27.38
N GLU A 37 -5.16 -13.12 -28.04
CA GLU A 37 -4.43 -14.22 -27.39
CA GLU A 37 -4.48 -14.19 -27.31
C GLU A 37 -2.96 -13.93 -27.23
N GLU A 38 -2.46 -13.08 -28.12
CA GLU A 38 -1.05 -12.87 -28.23
C GLU A 38 -0.65 -11.58 -27.46
N PRO A 39 0.55 -11.58 -26.86
CA PRO A 39 1.11 -10.39 -26.24
C PRO A 39 1.02 -9.19 -27.13
N TYR A 40 0.83 -8.06 -26.50
CA TYR A 40 0.81 -6.82 -27.19
C TYR A 40 2.12 -6.66 -28.05
N PRO A 41 2.02 -6.10 -29.29
CA PRO A 41 3.23 -5.93 -30.10
C PRO A 41 4.33 -5.16 -29.31
N ILE A 42 5.59 -5.60 -29.35
CA ILE A 42 6.69 -4.79 -28.72
C ILE A 42 7.87 -4.65 -29.72
N ALA A 43 8.67 -3.60 -29.54
CA ALA A 43 9.84 -3.32 -30.39
C ALA A 43 10.85 -4.45 -30.38
N SER A 44 11.44 -4.75 -31.55
CA SER A 44 12.11 -6.05 -31.75
C SER A 44 13.38 -6.26 -30.89
N THR A 45 13.92 -5.20 -30.31
CA THR A 45 15.01 -5.30 -29.33
C THR A 45 14.64 -5.72 -27.90
N PHE A 46 13.32 -5.66 -27.59
CA PHE A 46 12.83 -6.06 -26.29
C PHE A 46 12.03 -7.37 -26.40
N GLU A 47 11.81 -8.01 -25.27
CA GLU A 47 10.99 -9.22 -25.19
C GLU A 47 10.23 -9.17 -23.86
N TRP A 48 8.99 -9.61 -23.88
CA TRP A 48 8.23 -9.88 -22.67
C TRP A 48 8.88 -11.02 -21.85
N TRP A 49 8.74 -10.94 -20.54
CA TRP A 49 9.30 -11.95 -19.62
C TRP A 49 8.37 -12.12 -18.41
N THR A 50 8.12 -13.36 -17.98
CA THR A 50 7.28 -13.61 -16.78
C THR A 50 8.27 -14.17 -15.76
N PRO A 51 8.70 -13.35 -14.77
CA PRO A 51 9.60 -13.96 -13.76
C PRO A 51 8.92 -15.10 -12.97
N ASN A 52 9.73 -16.03 -12.40
CA ASN A 52 9.28 -17.10 -11.51
C ASN A 52 9.65 -16.67 -10.10
N MET A 53 8.64 -16.23 -9.34
CA MET A 53 8.98 -15.83 -7.97
CA MET A 53 8.72 -15.87 -7.90
C MET A 53 9.28 -16.95 -6.96
N GLU A 54 9.17 -18.20 -7.32
N GLU A 54 9.36 -18.18 -7.51
CA GLU A 54 9.53 -19.09 -6.27
CA GLU A 54 9.97 -19.39 -6.90
C GLU A 54 10.94 -19.63 -6.55
C GLU A 54 11.48 -19.55 -7.25
N ALA A 55 11.62 -18.84 -7.41
N ALA A 55 11.99 -18.69 -8.12
CA ALA A 55 13.03 -18.94 -7.85
CA ALA A 55 13.40 -18.72 -8.49
C ALA A 55 13.89 -17.71 -7.46
C ALA A 55 14.14 -17.60 -7.74
N ALA A 56 14.98 -17.96 -6.75
CA ALA A 56 15.90 -16.95 -6.16
C ALA A 56 16.46 -15.96 -7.15
N ASP A 57 16.88 -16.39 -8.34
CA ASP A 57 17.56 -15.47 -9.27
C ASP A 57 16.60 -14.50 -9.89
N ASP A 58 15.34 -14.94 -10.05
CA ASP A 58 14.35 -14.07 -10.71
C ASP A 58 14.03 -12.95 -9.65
N ILE A 59 13.76 -13.35 -8.43
CA ILE A 59 13.48 -12.35 -7.33
C ILE A 59 14.65 -11.38 -7.26
N HIS A 60 15.89 -11.91 -7.29
CA HIS A 60 17.05 -11.00 -7.31
C HIS A 60 17.15 -9.98 -8.45
N ALA A 61 16.84 -10.38 -9.70
CA ALA A 61 16.78 -9.40 -10.75
C ALA A 61 15.71 -8.27 -10.53
N ILE A 62 14.53 -8.60 -10.04
CA ILE A 62 13.55 -7.51 -9.87
CA ILE A 62 13.46 -7.60 -9.78
C ILE A 62 14.03 -6.67 -8.66
N TYR A 63 14.54 -7.33 -7.65
CA TYR A 63 15.14 -6.60 -6.42
C TYR A 63 16.14 -5.55 -6.91
N GLU A 64 17.07 -5.91 -7.82
CA GLU A 64 18.05 -4.91 -8.27
CA GLU A 64 18.06 -4.93 -8.35
C GLU A 64 17.49 -3.77 -9.15
N LEU A 65 16.54 -4.05 -10.05
CA LEU A 65 15.83 -3.04 -10.86
C LEU A 65 15.16 -2.03 -9.90
N LEU A 66 14.49 -2.55 -8.87
CA LEU A 66 13.80 -1.61 -7.92
C LEU A 66 14.83 -0.87 -7.08
N ARG A 67 15.80 -1.58 -6.53
CA ARG A 67 16.89 -0.89 -5.72
C ARG A 67 17.44 0.35 -6.40
N ASP A 68 17.67 0.29 -7.72
CA ASP A 68 18.35 1.31 -8.44
C ASP A 68 17.45 2.29 -9.13
N ASN A 69 16.14 1.93 -9.27
CA ASN A 69 15.28 2.71 -10.18
C ASN A 69 13.82 3.01 -9.63
N TYR A 70 13.54 2.58 -8.44
CA TYR A 70 12.18 2.74 -7.93
C TYR A 70 11.97 4.12 -7.26
N VAL A 71 10.89 4.28 -6.49
CA VAL A 71 10.43 5.64 -6.02
C VAL A 71 11.54 6.37 -5.17
N GLU A 72 11.84 7.60 -5.51
CA GLU A 72 12.72 8.47 -4.65
C GLU A 72 11.86 9.57 -4.09
N ASP A 73 12.36 10.27 -3.05
CA ASP A 73 11.71 11.49 -2.56
C ASP A 73 11.97 12.52 -3.65
N ASP A 74 11.41 13.73 -3.55
CA ASP A 74 11.62 14.72 -4.64
C ASP A 74 13.04 15.43 -4.85
N ASP A 75 13.94 15.47 -3.84
CA ASP A 75 15.33 15.97 -4.14
C ASP A 75 16.42 14.89 -4.18
N SER A 76 16.01 13.67 -4.52
CA SER A 76 16.93 12.57 -4.77
C SER A 76 17.79 12.31 -3.56
N MET A 77 17.22 12.22 -2.35
CA MET A 77 17.97 11.87 -1.13
C MET A 77 17.77 10.47 -0.62
N PHE A 78 16.56 9.94 -0.87
CA PHE A 78 16.21 8.61 -0.45
C PHE A 78 15.51 7.87 -1.55
N ARG A 79 15.84 6.59 -1.63
CA ARG A 79 15.15 5.72 -2.65
C ARG A 79 14.72 4.44 -1.93
N PHE A 80 13.47 3.99 -2.15
CA PHE A 80 13.08 2.74 -1.51
C PHE A 80 13.99 1.55 -1.90
N ASN A 81 14.27 0.68 -0.95
CA ASN A 81 15.05 -0.56 -1.10
C ASN A 81 14.33 -1.80 -0.54
N TYR A 82 13.17 -2.17 -1.15
CA TYR A 82 12.47 -3.38 -0.78
C TYR A 82 13.39 -4.61 -0.82
N SER A 83 13.38 -5.43 0.20
CA SER A 83 14.27 -6.58 0.28
C SER A 83 13.73 -7.70 -0.68
N GLU A 84 14.60 -8.69 -0.91
CA GLU A 84 14.15 -9.90 -1.67
C GLU A 84 13.08 -10.68 -0.92
N GLU A 85 13.22 -10.84 0.41
CA GLU A 85 12.27 -11.56 1.26
C GLU A 85 10.90 -10.80 1.21
N PHE A 86 10.98 -9.46 1.34
CA PHE A 86 9.75 -8.61 1.19
C PHE A 86 9.02 -8.80 -0.16
N LEU A 87 9.79 -8.73 -1.23
CA LEU A 87 9.20 -8.94 -2.55
C LEU A 87 8.53 -10.34 -2.73
N GLN A 88 9.17 -11.42 -2.24
CA GLN A 88 8.47 -12.71 -2.34
C GLN A 88 7.16 -12.69 -1.57
N TRP A 89 7.16 -12.04 -0.42
CA TRP A 89 5.97 -12.01 0.46
C TRP A 89 4.85 -11.18 -0.31
N ALA A 90 5.22 -9.98 -0.76
CA ALA A 90 4.23 -9.07 -1.37
C ALA A 90 3.65 -9.58 -2.72
N LEU A 91 4.54 -10.24 -3.50
CA LEU A 91 4.12 -10.72 -4.85
CA LEU A 91 4.23 -10.75 -4.86
C LEU A 91 3.45 -12.07 -4.85
N CYS A 92 3.58 -12.83 -3.76
CA CYS A 92 3.06 -14.22 -3.80
C CYS A 92 2.10 -14.62 -2.70
N PRO A 93 0.98 -13.91 -2.57
CA PRO A 93 -0.06 -14.26 -1.57
C PRO A 93 -0.79 -15.53 -2.04
N PRO A 94 -1.69 -16.08 -1.23
CA PRO A 94 -2.31 -17.35 -1.62
C PRO A 94 -3.07 -17.19 -2.93
N ASN A 95 -2.90 -18.20 -3.80
CA ASN A 95 -3.56 -18.16 -5.12
C ASN A 95 -3.15 -16.99 -6.00
N TYR A 96 -1.94 -16.43 -5.79
CA TYR A 96 -1.46 -15.46 -6.77
C TYR A 96 -1.40 -16.07 -8.21
N ILE A 97 -1.42 -15.19 -9.23
CA ILE A 97 -1.39 -15.59 -10.63
CA ILE A 97 -1.38 -15.62 -10.61
C ILE A 97 -0.02 -15.24 -11.19
N PRO A 98 0.82 -16.24 -11.52
CA PRO A 98 2.16 -15.90 -11.89
C PRO A 98 2.16 -15.04 -13.16
N ASP A 99 1.20 -15.22 -14.08
CA ASP A 99 1.42 -14.44 -15.31
CA ASP A 99 1.19 -14.46 -15.35
C ASP A 99 0.97 -12.96 -15.16
N TRP A 100 0.42 -12.61 -14.02
CA TRP A 100 0.18 -11.12 -13.72
C TRP A 100 1.42 -10.31 -13.32
N HIS A 101 2.51 -10.98 -13.06
CA HIS A 101 3.84 -10.31 -12.87
C HIS A 101 4.43 -10.16 -14.24
N VAL A 102 4.54 -8.92 -14.73
CA VAL A 102 4.89 -8.62 -16.16
C VAL A 102 6.19 -7.84 -16.21
N ALA A 103 7.19 -8.40 -16.88
CA ALA A 103 8.46 -7.76 -17.13
C ALA A 103 8.81 -7.49 -18.62
N VAL A 104 9.73 -6.56 -18.86
CA VAL A 104 10.41 -6.37 -20.15
C VAL A 104 11.92 -6.51 -19.89
N ARG A 105 12.56 -7.41 -20.66
CA ARG A 105 14.00 -7.55 -20.74
C ARG A 105 14.53 -7.18 -22.14
N ARG A 106 15.81 -6.79 -22.16
CA ARG A 106 16.53 -6.54 -23.42
CA ARG A 106 16.51 -6.52 -23.42
C ARG A 106 16.93 -7.90 -23.97
N LYS A 107 16.64 -8.16 -25.26
CA LYS A 107 16.99 -9.45 -25.84
C LYS A 107 18.48 -9.80 -25.79
N ALA A 108 19.33 -8.86 -26.19
CA ALA A 108 20.76 -9.14 -26.22
C ALA A 108 21.35 -9.74 -24.91
N ASP A 109 21.01 -9.17 -23.72
CA ASP A 109 21.62 -9.58 -22.42
C ASP A 109 20.68 -10.16 -21.36
N LYS A 110 19.39 -10.08 -21.61
CA LYS A 110 18.34 -10.41 -20.66
C LYS A 110 18.30 -9.43 -19.45
N LYS A 111 18.86 -8.23 -19.64
CA LYS A 111 18.78 -7.16 -18.58
C LYS A 111 17.33 -6.68 -18.36
N LEU A 112 16.87 -6.76 -17.09
CA LEU A 112 15.55 -6.22 -16.69
C LEU A 112 15.50 -4.74 -16.92
N LEU A 113 14.50 -4.31 -17.67
CA LEU A 113 14.38 -2.91 -18.03
C LEU A 113 13.10 -2.28 -17.49
N ALA A 114 12.08 -3.11 -17.25
CA ALA A 114 10.80 -2.62 -16.75
C ALA A 114 10.01 -3.72 -16.05
N PHE A 115 9.15 -3.34 -15.10
CA PHE A 115 8.36 -4.32 -14.35
C PHE A 115 7.04 -3.71 -13.91
N ILE A 116 5.99 -4.55 -13.82
CA ILE A 116 4.80 -4.20 -13.15
C ILE A 116 4.22 -5.46 -12.54
N ALA A 117 3.61 -5.34 -11.37
CA ALA A 117 3.07 -6.50 -10.73
C ALA A 117 1.57 -6.36 -10.42
N GLY A 118 0.81 -7.41 -10.70
CA GLY A 118 -0.53 -7.54 -10.12
C GLY A 118 -0.69 -8.76 -9.21
N VAL A 119 -1.48 -8.57 -8.15
CA VAL A 119 -1.87 -9.65 -7.21
C VAL A 119 -3.37 -9.66 -7.01
N PRO A 120 -3.94 -10.85 -6.68
N PRO A 120 -3.93 -10.86 -6.73
CA PRO A 120 -5.34 -10.90 -6.34
CA PRO A 120 -5.33 -10.88 -6.40
C PRO A 120 -5.68 -10.15 -5.08
C PRO A 120 -5.66 -10.13 -5.11
N VAL A 121 -6.82 -9.49 -5.09
CA VAL A 121 -7.39 -8.96 -3.87
C VAL A 121 -8.93 -9.11 -4.01
N THR A 122 -9.54 -9.44 -2.92
CA THR A 122 -11.01 -9.44 -2.76
C THR A 122 -11.40 -8.15 -2.07
N LEU A 123 -12.11 -7.23 -2.76
CA LEU A 123 -12.30 -5.86 -2.29
C LEU A 123 -13.77 -5.52 -2.28
N ARG A 124 -14.19 -4.98 -1.18
CA ARG A 124 -15.45 -4.29 -1.08
C ARG A 124 -15.31 -2.93 -1.76
N MET A 125 -16.19 -2.67 -2.68
CA MET A 125 -16.08 -1.47 -3.50
C MET A 125 -17.46 -1.05 -4.02
N GLY A 126 -18.48 -1.26 -3.17
CA GLY A 126 -19.84 -0.90 -3.59
C GLY A 126 -20.07 0.54 -3.24
N THR A 127 -21.21 1.07 -3.69
CA THR A 127 -21.49 2.46 -3.43
C THR A 127 -21.19 2.91 -1.97
N PRO A 128 -20.44 4.01 -1.78
CA PRO A 128 -20.18 4.41 -0.41
C PRO A 128 -21.38 4.80 0.35
N LYS A 129 -21.26 4.73 1.66
CA LYS A 129 -22.36 5.00 2.62
CA LYS A 129 -22.37 4.99 2.60
C LYS A 129 -23.07 6.36 2.45
N TYR A 130 -22.29 7.44 2.31
CA TYR A 130 -22.89 8.80 2.12
C TYR A 130 -23.72 8.91 0.85
N MET A 131 -23.45 8.07 -0.16
CA MET A 131 -24.15 8.13 -1.43
C MET A 131 -25.36 7.20 -1.37
N LYS A 132 -25.29 6.24 -0.45
CA LYS A 132 -26.46 5.38 -0.18
C LYS A 132 -27.51 6.20 0.56
N VAL A 133 -27.15 7.00 1.56
CA VAL A 133 -28.10 7.98 2.13
C VAL A 133 -28.74 8.89 1.03
N LYS A 134 -27.90 9.45 0.14
CA LYS A 134 -28.45 10.37 -0.86
CA LYS A 134 -28.41 10.35 -0.92
C LYS A 134 -29.38 9.59 -1.79
N ALA A 135 -29.07 8.30 -1.99
CA ALA A 135 -29.87 7.38 -2.83
C ALA A 135 -31.24 7.09 -2.23
N GLN A 136 -31.30 6.84 -0.92
CA GLN A 136 -32.59 6.58 -0.30
CA GLN A 136 -32.56 6.64 -0.18
C GLN A 136 -33.49 7.83 -0.38
N GLU A 137 -32.92 9.02 -0.20
CA GLU A 137 -33.68 10.30 -0.31
C GLU A 137 -34.27 10.50 -1.73
N LYS A 138 -33.65 9.89 -2.73
CA LYS A 138 -34.11 9.99 -4.12
CA LYS A 138 -34.28 10.03 -4.04
C LYS A 138 -35.00 8.81 -4.54
N GLY A 139 -35.18 7.81 -3.68
CA GLY A 139 -35.83 6.58 -4.12
C GLY A 139 -35.02 5.62 -4.97
N GLU A 140 -33.67 5.64 -4.83
CA GLU A 140 -32.76 4.87 -5.75
C GLU A 140 -31.86 3.75 -5.14
N GLY A 141 -32.39 3.03 -4.12
CA GLY A 141 -31.59 2.10 -3.35
C GLY A 141 -31.08 0.90 -4.09
N GLU A 142 -31.89 0.41 -5.01
CA GLU A 142 -31.55 -0.77 -5.76
C GLU A 142 -30.32 -0.53 -6.65
N GLU A 143 -30.30 0.57 -7.38
CA GLU A 143 -29.17 0.83 -8.30
C GLU A 143 -27.91 0.98 -7.43
N ALA A 144 -28.08 1.63 -6.26
CA ALA A 144 -26.96 1.88 -5.32
C ALA A 144 -26.33 0.58 -4.81
N ALA A 145 -27.09 -0.53 -4.68
CA ALA A 145 -26.59 -1.77 -4.02
C ALA A 145 -26.14 -2.87 -4.99
N LYS A 146 -26.24 -2.64 -6.29
CA LYS A 146 -26.03 -3.66 -7.30
C LYS A 146 -24.66 -4.27 -7.19
N TYR A 147 -23.63 -3.45 -6.87
CA TYR A 147 -22.30 -3.98 -6.70
C TYR A 147 -21.74 -4.03 -5.28
N ASP A 148 -22.60 -4.35 -4.33
CA ASP A 148 -22.24 -4.44 -2.92
C ASP A 148 -21.38 -5.64 -2.57
N GLU A 149 -21.50 -6.72 -3.30
CA GLU A 149 -20.76 -7.93 -2.88
C GLU A 149 -19.29 -7.76 -3.18
N PRO A 150 -18.41 -8.30 -2.28
CA PRO A 150 -16.95 -8.26 -2.59
C PRO A 150 -16.55 -8.77 -3.94
N ARG A 151 -15.62 -8.05 -4.60
CA ARG A 151 -15.19 -8.43 -5.91
C ARG A 151 -13.76 -8.94 -5.94
N HIS A 152 -13.51 -10.04 -6.67
CA HIS A 152 -12.12 -10.56 -6.91
C HIS A 152 -11.50 -9.75 -8.04
N ILE A 153 -10.62 -8.78 -7.68
CA ILE A 153 -10.01 -7.95 -8.70
C ILE A 153 -8.49 -8.01 -8.62
N CYS A 154 -7.79 -7.15 -9.34
CA CYS A 154 -6.30 -7.09 -9.34
C CYS A 154 -5.87 -5.86 -8.54
N GLU A 155 -4.87 -6.04 -7.68
CA GLU A 155 -4.16 -4.89 -7.08
C GLU A 155 -2.78 -4.74 -7.75
N ILE A 156 -2.49 -3.57 -8.34
CA ILE A 156 -1.27 -3.27 -9.08
C ILE A 156 -0.26 -2.59 -8.16
N ASN A 157 1.03 -2.93 -8.37
CA ASN A 157 2.08 -2.25 -7.50
C ASN A 157 3.38 -2.43 -8.29
N PHE A 158 4.46 -1.74 -7.86
CA PHE A 158 5.79 -1.96 -8.36
C PHE A 158 6.00 -1.62 -9.82
N LEU A 159 5.19 -0.66 -10.41
CA LEU A 159 5.50 -0.15 -11.71
C LEU A 159 6.88 0.53 -11.77
N CYS A 160 7.79 0.12 -12.65
CA CYS A 160 9.21 0.64 -12.62
C CYS A 160 9.77 0.56 -14.04
N VAL A 161 10.25 1.70 -14.55
CA VAL A 161 11.00 1.71 -15.82
C VAL A 161 12.41 2.13 -15.49
N HIS A 162 13.39 1.41 -16.03
CA HIS A 162 14.82 1.75 -15.81
C HIS A 162 15.06 3.23 -16.11
N LYS A 163 15.94 3.84 -15.31
CA LYS A 163 16.32 5.23 -15.59
C LYS A 163 16.77 5.59 -17.03
N GLN A 164 17.48 4.66 -17.70
CA GLN A 164 17.93 4.93 -19.06
C GLN A 164 16.79 4.88 -20.12
N LEU A 165 15.66 4.35 -19.68
CA LEU A 165 14.53 4.13 -20.53
C LEU A 165 13.36 5.09 -20.30
N ARG A 166 13.56 6.13 -19.44
CA ARG A 166 12.53 7.04 -19.08
C ARG A 166 12.03 7.93 -20.22
N GLU A 167 10.72 8.20 -20.21
CA GLU A 167 10.08 9.12 -21.16
CA GLU A 167 10.02 9.10 -21.14
C GLU A 167 10.08 8.62 -22.60
N LYS A 168 10.02 7.32 -22.76
CA LYS A 168 9.90 6.73 -24.10
C LYS A 168 8.56 5.98 -24.27
N ARG A 169 7.60 6.26 -23.40
CA ARG A 169 6.20 5.74 -23.48
C ARG A 169 6.17 4.23 -23.22
N LEU A 170 7.21 3.72 -22.57
CA LEU A 170 7.29 2.31 -22.11
C LEU A 170 6.23 1.96 -21.02
N ALA A 171 5.96 2.88 -20.10
CA ALA A 171 4.98 2.60 -19.00
C ALA A 171 3.60 2.26 -19.58
N PRO A 172 3.12 3.02 -20.60
CA PRO A 172 1.85 2.60 -21.24
C PRO A 172 1.82 1.18 -21.76
N ILE A 173 2.92 0.74 -22.36
CA ILE A 173 2.97 -0.58 -23.00
C ILE A 173 2.89 -1.65 -21.88
N LEU A 174 3.63 -1.42 -20.79
CA LEU A 174 3.52 -2.28 -19.57
C LEU A 174 2.08 -2.36 -19.03
N ILE A 175 1.44 -1.22 -18.87
CA ILE A 175 0.11 -1.15 -18.32
C ILE A 175 -0.89 -1.89 -19.30
N LYS A 176 -0.72 -1.66 -20.59
CA LYS A 176 -1.62 -2.35 -21.61
C LYS A 176 -1.50 -3.86 -21.51
N GLU A 177 -0.26 -4.35 -21.38
CA GLU A 177 0.02 -5.79 -21.37
C GLU A 177 -0.42 -6.40 -20.05
N ALA A 178 -0.22 -5.69 -18.90
CA ALA A 178 -0.82 -6.11 -17.62
C ALA A 178 -2.34 -6.21 -17.76
N THR A 179 -2.96 -5.25 -18.42
CA THR A 179 -4.43 -5.19 -18.45
C THR A 179 -4.91 -6.44 -19.28
N ARG A 180 -4.18 -6.70 -20.38
CA ARG A 180 -4.53 -7.84 -21.22
C ARG A 180 -4.42 -9.17 -20.42
N ARG A 181 -3.27 -9.39 -19.77
CA ARG A 181 -3.16 -10.58 -18.92
C ARG A 181 -4.18 -10.78 -17.81
N VAL A 182 -4.61 -9.70 -17.13
CA VAL A 182 -5.62 -9.69 -16.14
C VAL A 182 -6.99 -10.02 -16.81
N ASN A 183 -7.32 -9.30 -17.90
CA ASN A 183 -8.55 -9.57 -18.66
C ASN A 183 -8.59 -11.06 -19.19
N ARG A 184 -7.45 -11.63 -19.55
CA ARG A 184 -7.43 -13.08 -20.06
C ARG A 184 -7.84 -14.03 -18.94
N THR A 185 -7.89 -13.56 -17.66
CA THR A 185 -8.38 -14.39 -16.47
C THR A 185 -9.74 -13.95 -15.99
N ASN A 186 -10.46 -13.20 -16.82
CA ASN A 186 -11.80 -12.73 -16.53
C ASN A 186 -12.00 -11.78 -15.33
N VAL A 187 -10.97 -10.91 -15.18
CA VAL A 187 -10.91 -9.84 -14.17
C VAL A 187 -10.83 -8.50 -14.93
N TRP A 188 -11.70 -7.57 -14.49
CA TRP A 188 -12.05 -6.36 -15.25
C TRP A 188 -11.81 -5.04 -14.52
N GLN A 189 -11.58 -5.13 -13.21
CA GLN A 189 -11.26 -3.94 -12.34
C GLN A 189 -9.82 -4.08 -11.78
N ALA A 190 -9.16 -2.93 -11.49
CA ALA A 190 -7.85 -2.98 -10.73
C ALA A 190 -7.95 -1.84 -9.71
N VAL A 191 -7.13 -1.92 -8.65
CA VAL A 191 -6.98 -0.83 -7.68
C VAL A 191 -5.49 -0.57 -7.63
N TYR A 192 -5.13 0.72 -7.54
CA TYR A 192 -3.72 1.14 -7.56
C TYR A 192 -3.65 2.46 -6.78
N THR A 193 -2.42 2.75 -6.29
CA THR A 193 -2.20 4.06 -5.63
C THR A 193 -0.94 4.68 -6.33
N ALA A 194 -0.79 6.00 -6.22
CA ALA A 194 0.42 6.70 -6.65
C ALA A 194 0.60 7.96 -5.81
N GLY A 195 1.88 8.32 -5.66
CA GLY A 195 2.20 9.62 -5.03
C GLY A 195 2.19 10.73 -6.09
N VAL A 196 1.73 10.48 -7.29
CA VAL A 196 1.49 11.51 -8.35
C VAL A 196 0.00 11.64 -8.62
N LEU A 197 -0.42 12.78 -9.12
CA LEU A 197 -1.76 13.05 -9.72
C LEU A 197 -2.03 12.61 -11.16
N LEU A 198 -3.01 11.71 -11.34
CA LEU A 198 -3.37 11.09 -12.64
C LEU A 198 -4.90 11.23 -12.71
N PRO A 199 -5.45 10.95 -13.89
CA PRO A 199 -6.91 10.91 -13.96
C PRO A 199 -7.44 9.54 -13.47
N THR A 200 -8.29 9.48 -12.44
CA THR A 200 -8.62 10.59 -11.57
C THR A 200 -8.91 9.95 -10.22
N PRO A 201 -8.32 10.46 -9.13
CA PRO A 201 -8.45 9.70 -7.84
C PRO A 201 -9.85 9.63 -7.26
N TYR A 202 -10.17 8.52 -6.57
CA TYR A 202 -11.39 8.48 -5.72
C TYR A 202 -11.13 8.90 -4.28
N ALA A 203 -9.86 8.95 -3.81
CA ALA A 203 -9.58 9.41 -2.45
C ALA A 203 -8.10 9.86 -2.45
N SER A 204 -7.76 10.73 -1.48
CA SER A 204 -6.41 11.31 -1.35
CA SER A 204 -6.38 11.24 -1.35
C SER A 204 -6.11 11.48 0.12
N GLY A 205 -4.90 11.16 0.57
CA GLY A 205 -4.62 11.37 1.97
C GLY A 205 -3.14 11.76 2.25
N GLN A 206 -2.90 12.50 3.34
CA GLN A 206 -1.53 12.93 3.64
C GLN A 206 -0.69 11.79 4.19
N TYR A 207 0.63 11.91 4.04
CA TYR A 207 1.58 10.98 4.68
C TYR A 207 1.87 11.48 6.07
N PHE A 208 2.19 10.58 7.00
CA PHE A 208 2.58 10.98 8.38
C PHE A 208 3.80 10.20 8.87
N HIS A 209 4.66 10.84 9.69
CA HIS A 209 5.96 10.23 10.19
C HIS A 209 6.07 10.42 11.69
N ARG A 210 6.62 9.47 12.41
CA ARG A 210 6.87 9.60 13.81
C ARG A 210 8.35 9.26 14.03
N SER A 211 9.14 10.28 14.42
CA SER A 211 10.56 10.07 14.66
CA SER A 211 10.56 10.08 14.71
C SER A 211 10.81 9.09 15.83
N LEU A 212 11.72 8.13 15.63
CA LEU A 212 12.09 7.17 16.62
C LEU A 212 13.53 7.37 17.03
N ASN A 213 14.37 7.71 16.04
CA ASN A 213 15.83 7.95 16.21
C ASN A 213 16.14 9.33 15.64
N PRO A 214 15.74 10.39 16.35
CA PRO A 214 15.83 11.73 15.85
C PRO A 214 17.28 12.21 15.50
N GLU A 215 18.30 11.73 16.20
CA GLU A 215 19.69 12.24 15.90
C GLU A 215 20.11 11.75 14.51
N LYS A 216 19.80 10.48 14.20
CA LYS A 216 20.07 9.91 12.84
C LYS A 216 19.25 10.58 11.77
N LEU A 217 17.93 10.78 11.99
CA LEU A 217 17.07 11.49 11.01
C LEU A 217 17.57 12.86 10.64
N VAL A 218 18.13 13.62 11.62
CA VAL A 218 18.58 14.97 11.32
C VAL A 218 19.93 14.92 10.54
N GLU A 219 20.78 13.98 10.93
CA GLU A 219 22.10 13.74 10.29
C GLU A 219 21.96 13.45 8.80
N ILE A 220 21.00 12.54 8.46
CA ILE A 220 20.71 12.23 7.02
C ILE A 220 19.81 13.22 6.31
N ARG A 221 19.29 14.21 7.05
N ARG A 221 19.33 14.23 7.04
CA ARG A 221 18.44 15.27 6.49
CA ARG A 221 18.52 15.31 6.51
C ARG A 221 17.07 14.75 6.06
C ARG A 221 17.13 14.76 6.08
N PHE A 222 16.68 13.63 6.65
CA PHE A 222 15.26 13.27 6.63
C PHE A 222 14.44 14.34 7.40
N SER A 223 15.01 14.74 8.56
CA SER A 223 14.43 15.75 9.49
C SER A 223 15.36 17.01 9.59
N GLY A 224 14.81 18.14 9.98
CA GLY A 224 15.67 19.26 10.46
C GLY A 224 15.41 19.44 11.95
N ILE A 225 16.25 20.19 12.65
CA ILE A 225 15.87 20.64 14.00
C ILE A 225 14.86 21.76 13.79
N PRO A 226 13.63 21.66 14.33
CA PRO A 226 12.76 22.77 13.93
C PRO A 226 13.17 24.10 14.61
N ALA A 227 12.79 25.21 13.99
CA ALA A 227 13.15 26.59 14.45
C ALA A 227 13.02 26.72 15.98
N GLN A 228 11.83 26.42 16.50
CA GLN A 228 11.46 26.51 17.92
C GLN A 228 12.46 25.95 18.92
N TYR A 229 13.16 24.90 18.50
CA TYR A 229 14.13 24.26 19.37
C TYR A 229 15.45 25.11 19.57
N GLN A 230 15.57 26.25 18.87
CA GLN A 230 16.77 27.15 18.97
C GLN A 230 16.77 27.98 20.24
N LYS A 231 15.57 28.32 20.70
CA LYS A 231 15.45 28.92 22.04
C LYS A 231 16.14 28.07 23.14
N PHE A 232 16.65 26.86 22.82
CA PHE A 232 17.25 26.05 23.85
C PHE A 232 18.79 25.99 23.82
N GLN A 233 19.36 25.84 25.02
CA GLN A 233 20.81 25.73 25.12
CA GLN A 233 20.79 25.60 25.25
C GLN A 233 21.31 24.48 24.32
N ASN A 234 20.54 23.38 24.34
CA ASN A 234 20.97 22.16 23.62
C ASN A 234 19.81 21.60 22.79
N PRO A 235 19.68 22.13 21.56
CA PRO A 235 18.49 21.85 20.70
C PRO A 235 18.31 20.36 20.47
N MET A 236 19.41 19.66 20.17
CA MET A 236 19.30 18.22 19.95
C MET A 236 18.93 17.40 21.16
N ALA A 237 19.49 17.71 22.32
CA ALA A 237 19.13 16.99 23.53
C ALA A 237 17.62 17.09 23.86
N MET A 238 17.01 18.23 23.61
CA MET A 238 15.60 18.48 23.87
C MET A 238 14.77 17.75 22.77
N LEU A 239 15.31 17.67 21.53
CA LEU A 239 14.64 16.89 20.49
C LEU A 239 14.54 15.38 20.80
N LYS A 240 15.61 14.80 21.29
CA LYS A 240 15.68 13.42 21.77
C LYS A 240 14.73 13.19 22.91
N ARG A 241 14.62 14.19 23.79
CA ARG A 241 13.77 14.02 24.95
C ARG A 241 12.28 13.99 24.56
N ASN A 242 11.91 14.81 23.59
CA ASN A 242 10.54 14.98 23.09
C ASN A 242 10.08 13.63 22.51
N TYR A 243 10.98 12.90 21.89
CA TYR A 243 10.61 11.63 21.21
C TYR A 243 10.98 10.33 21.93
N GLN A 244 11.51 10.42 23.16
CA GLN A 244 11.89 9.23 23.90
CA GLN A 244 11.89 9.25 23.94
C GLN A 244 10.65 8.33 24.14
N LEU A 245 10.89 7.04 24.24
CA LEU A 245 9.85 6.04 24.47
C LEU A 245 10.26 5.04 25.54
N PRO A 246 9.27 4.39 26.18
CA PRO A 246 9.58 3.32 27.11
C PRO A 246 10.38 2.24 26.42
N SER A 247 11.19 1.50 27.19
CA SER A 247 11.98 0.37 26.67
C SER A 247 11.16 -0.89 26.38
N ALA A 248 10.11 -1.06 27.15
CA ALA A 248 9.30 -2.26 27.00
C ALA A 248 7.85 -1.86 26.83
N PRO A 249 7.01 -2.75 26.23
CA PRO A 249 5.61 -2.42 25.95
C PRO A 249 4.80 -2.18 27.21
N LYS A 250 3.72 -1.39 27.14
CA LYS A 250 2.91 -1.06 28.32
C LYS A 250 1.73 -2.00 28.55
N ASN A 251 1.23 -2.65 27.50
CA ASN A 251 0.06 -3.51 27.61
C ASN A 251 0.49 -4.91 28.10
N SER A 252 0.03 -5.42 29.25
N SER A 252 -0.11 -5.19 29.26
CA SER A 252 0.71 -6.64 29.82
CA SER A 252 -0.52 -6.48 29.71
C SER A 252 0.73 -8.01 29.06
C SER A 252 -1.12 -7.33 28.59
N GLY A 253 -0.40 -8.39 28.45
CA GLY A 253 -0.60 -9.52 27.55
C GLY A 253 -0.12 -9.35 26.12
N LEU A 254 0.75 -8.36 25.85
CA LEU A 254 1.26 -8.15 24.50
C LEU A 254 2.26 -9.27 24.19
N ARG A 255 2.08 -9.92 23.03
CA ARG A 255 3.04 -10.91 22.59
C ARG A 255 2.99 -11.03 21.06
N GLU A 256 3.97 -11.68 20.45
CA GLU A 256 3.93 -11.88 19.01
CA GLU A 256 3.92 -11.87 19.00
C GLU A 256 2.80 -12.85 18.66
N MET A 257 2.17 -12.61 17.51
CA MET A 257 1.16 -13.48 16.95
C MET A 257 1.73 -14.84 16.49
N LYS A 258 0.88 -15.85 16.70
CA LYS A 258 1.27 -17.20 16.28
CA LYS A 258 1.19 -17.28 16.40
C LYS A 258 0.15 -17.86 15.44
N PRO A 259 0.44 -19.05 14.82
CA PRO A 259 -0.57 -19.63 13.89
C PRO A 259 -1.94 -19.85 14.54
N SER A 260 -2.00 -20.21 15.79
CA SER A 260 -3.27 -20.47 16.48
C SER A 260 -4.17 -19.21 16.64
N ASP A 261 -3.55 -18.01 16.50
CA ASP A 261 -4.31 -16.77 16.58
C ASP A 261 -5.07 -16.42 15.34
N VAL A 262 -4.78 -17.06 14.21
CA VAL A 262 -5.34 -16.70 12.89
C VAL A 262 -6.86 -16.49 12.92
N PRO A 263 -7.65 -17.53 13.32
CA PRO A 263 -9.08 -17.27 13.38
C PRO A 263 -9.61 -16.05 14.16
N GLN A 264 -9.10 -15.77 15.37
CA GLN A 264 -9.53 -14.65 16.22
C GLN A 264 -9.09 -13.31 15.55
N VAL A 265 -7.86 -13.27 15.02
CA VAL A 265 -7.35 -12.03 14.31
C VAL A 265 -8.22 -11.79 13.07
N ARG A 266 -8.52 -12.84 12.31
CA ARG A 266 -9.40 -12.68 11.16
C ARG A 266 -10.77 -12.04 11.55
N ARG A 267 -11.37 -12.63 12.58
CA ARG A 267 -12.65 -12.20 13.17
CA ARG A 267 -12.69 -12.16 13.05
C ARG A 267 -12.66 -10.68 13.47
N ILE A 268 -11.74 -10.29 14.38
CA ILE A 268 -11.67 -8.89 14.91
C ILE A 268 -11.25 -7.93 13.78
N LEU A 269 -10.31 -8.33 12.91
CA LEU A 269 -10.01 -7.48 11.76
C LEU A 269 -11.19 -7.26 10.85
N MET A 270 -11.85 -8.32 10.43
CA MET A 270 -12.96 -8.20 9.46
C MET A 270 -14.11 -7.41 10.09
N ASN A 271 -14.38 -7.62 11.38
CA ASN A 271 -15.43 -6.84 12.03
CA ASN A 271 -15.40 -6.85 12.09
C ASN A 271 -15.09 -5.34 11.97
N TYR A 272 -13.80 -5.01 12.18
CA TYR A 272 -13.34 -3.61 12.12
C TYR A 272 -13.42 -3.00 10.71
N LEU A 273 -12.90 -3.73 9.71
CA LEU A 273 -12.78 -3.23 8.33
C LEU A 273 -14.15 -3.01 7.69
N ASP A 274 -15.16 -3.72 8.19
CA ASP A 274 -16.56 -3.44 7.82
C ASP A 274 -17.04 -2.01 7.98
N SER A 275 -16.48 -1.30 8.92
CA SER A 275 -16.89 0.06 9.12
CA SER A 275 -16.78 0.08 9.17
C SER A 275 -16.49 1.00 7.95
N PHE A 276 -15.72 0.49 6.95
CA PHE A 276 -15.13 1.38 5.86
C PHE A 276 -15.72 1.13 4.51
N ASP A 277 -15.93 2.16 3.69
CA ASP A 277 -16.42 1.91 2.32
C ASP A 277 -15.58 1.04 1.35
N VAL A 278 -14.21 1.13 1.36
CA VAL A 278 -13.39 0.39 0.44
C VAL A 278 -12.44 -0.34 1.36
N GLY A 279 -12.47 -1.67 1.27
CA GLY A 279 -11.67 -2.46 2.30
C GLY A 279 -11.54 -3.85 1.74
N PRO A 280 -10.43 -4.56 2.09
CA PRO A 280 -10.16 -5.90 1.65
C PRO A 280 -10.96 -6.91 2.53
N VAL A 281 -11.23 -8.08 1.93
CA VAL A 281 -11.79 -9.25 2.68
C VAL A 281 -10.71 -10.31 2.64
N PHE A 282 -10.31 -10.78 3.81
CA PHE A 282 -9.19 -11.79 3.92
C PHE A 282 -9.74 -13.14 4.45
N SER A 283 -9.38 -14.19 3.71
CA SER A 283 -9.56 -15.62 4.19
C SER A 283 -8.52 -15.93 5.28
N ASP A 284 -8.76 -17.03 6.03
CA ASP A 284 -7.73 -17.49 6.97
C ASP A 284 -6.36 -17.55 6.38
N ALA A 285 -6.25 -18.09 5.13
CA ALA A 285 -4.94 -18.24 4.45
C ALA A 285 -4.27 -16.90 4.15
N GLU A 286 -5.12 -15.92 3.85
CA GLU A 286 -4.65 -14.57 3.56
C GLU A 286 -4.28 -13.85 4.85
N ILE A 287 -4.99 -14.09 5.98
CA ILE A 287 -4.63 -13.55 7.30
C ILE A 287 -3.24 -14.12 7.69
N SER A 288 -3.09 -15.42 7.55
CA SER A 288 -1.80 -16.13 7.81
CA SER A 288 -1.81 -16.09 7.83
C SER A 288 -0.67 -15.49 7.00
N HIS A 289 -0.91 -15.31 5.68
CA HIS A 289 0.09 -14.84 4.80
C HIS A 289 0.53 -13.38 5.18
N TYR A 290 -0.46 -12.48 5.25
CA TYR A 290 -0.11 -11.09 5.41
C TYR A 290 0.23 -10.68 6.85
N LEU A 291 -0.13 -11.46 7.89
CA LEU A 291 0.04 -11.03 9.32
C LEU A 291 1.02 -11.86 10.21
N LEU A 292 1.18 -13.14 9.85
CA LEU A 292 2.10 -13.94 10.72
C LEU A 292 3.53 -13.36 10.57
N PRO A 293 4.24 -13.21 11.72
CA PRO A 293 5.54 -12.57 11.67
C PRO A 293 6.48 -13.26 10.67
N ARG A 294 7.26 -12.45 9.99
CA ARG A 294 8.37 -12.87 9.12
C ARG A 294 9.56 -12.02 9.35
N ASP A 295 10.69 -12.62 9.69
CA ASP A 295 11.89 -11.88 9.98
C ASP A 295 12.31 -10.89 8.96
N GLY A 296 12.60 -9.66 9.43
CA GLY A 296 12.95 -8.53 8.58
C GLY A 296 11.85 -7.93 7.66
N VAL A 297 10.64 -8.48 7.73
CA VAL A 297 9.56 -8.12 6.75
C VAL A 297 8.31 -7.66 7.50
N VAL A 298 7.67 -8.53 8.26
CA VAL A 298 6.39 -8.13 8.90
C VAL A 298 6.36 -8.55 10.37
N PHE A 299 5.83 -7.66 11.26
CA PHE A 299 5.97 -7.80 12.66
C PHE A 299 4.56 -7.63 13.22
N THR A 300 4.05 -8.59 13.98
CA THR A 300 2.62 -8.58 14.39
C THR A 300 2.47 -9.06 15.76
N TYR A 301 1.72 -8.29 16.58
CA TYR A 301 1.61 -8.56 18.03
C TYR A 301 0.16 -8.57 18.36
N VAL A 302 -0.26 -9.46 19.25
CA VAL A 302 -1.61 -9.54 19.77
C VAL A 302 -1.61 -9.19 21.27
N VAL A 303 -2.72 -8.62 21.76
CA VAL A 303 -2.99 -8.47 23.19
C VAL A 303 -3.94 -9.65 23.56
N GLU A 304 -3.39 -10.53 24.40
CA GLU A 304 -4.10 -11.67 24.93
C GLU A 304 -3.99 -11.57 26.42
N ASN A 305 -5.12 -11.39 27.06
CA ASN A 305 -5.25 -11.84 28.45
C ASN A 305 -6.51 -12.69 28.55
N ASP A 306 -6.46 -13.73 29.38
CA ASP A 306 -7.62 -14.59 29.53
C ASP A 306 -7.82 -15.47 28.26
N LYS A 307 -6.72 -15.79 27.58
CA LYS A 307 -6.75 -16.67 26.43
C LYS A 307 -7.67 -16.23 25.25
N LYS A 308 -8.12 -14.96 25.25
CA LYS A 308 -8.76 -14.37 24.07
C LYS A 308 -7.80 -13.35 23.45
N VAL A 309 -7.75 -13.34 22.13
CA VAL A 309 -7.12 -12.22 21.38
C VAL A 309 -8.21 -11.13 21.28
N THR A 310 -7.95 -9.97 21.88
CA THR A 310 -8.92 -8.90 21.85
C THR A 310 -8.42 -7.68 21.02
N ASP A 311 -7.10 -7.57 20.82
CA ASP A 311 -6.52 -6.46 20.05
C ASP A 311 -5.24 -6.97 19.35
N PHE A 312 -4.86 -6.31 18.24
CA PHE A 312 -3.60 -6.64 17.62
C PHE A 312 -3.11 -5.40 16.84
N PHE A 313 -1.82 -5.36 16.56
CA PHE A 313 -1.31 -4.46 15.52
C PHE A 313 -0.23 -5.11 14.66
N SER A 314 0.03 -4.53 13.49
CA SER A 314 1.11 -5.06 12.62
C SER A 314 1.86 -3.86 12.03
N PHE A 315 3.14 -4.08 11.62
CA PHE A 315 3.85 -3.12 10.90
C PHE A 315 4.80 -3.87 9.96
N TYR A 316 5.19 -3.25 8.86
CA TYR A 316 6.16 -3.85 7.92
C TYR A 316 7.37 -3.01 7.73
N ARG A 317 8.51 -3.63 7.41
CA ARG A 317 9.72 -2.90 7.20
C ARG A 317 10.09 -2.65 5.74
N ILE A 318 10.50 -1.42 5.40
CA ILE A 318 11.14 -1.16 4.12
C ILE A 318 12.26 -0.19 4.41
N PRO A 319 13.52 -0.62 4.16
CA PRO A 319 14.64 0.32 4.24
C PRO A 319 14.73 1.18 3.02
N SER A 320 15.19 2.43 3.15
CA SER A 320 15.50 3.25 1.98
C SER A 320 16.99 3.54 1.89
N THR A 321 17.53 3.49 0.66
CA THR A 321 18.88 3.94 0.42
C THR A 321 19.03 5.43 0.70
N VAL A 322 20.05 5.80 1.46
CA VAL A 322 20.41 7.21 1.67
C VAL A 322 21.46 7.53 0.59
N ILE A 323 21.06 8.31 -0.41
CA ILE A 323 21.82 8.55 -1.65
C ILE A 323 22.99 9.46 -1.23
N GLY A 324 24.21 8.95 -1.46
CA GLY A 324 25.35 9.01 -0.41
C GLY A 324 25.54 10.04 0.72
N ASN A 325 25.50 9.56 1.98
CA ASN A 325 25.85 10.29 3.24
C ASN A 325 27.11 9.54 3.74
N SER A 326 28.01 10.25 4.40
CA SER A 326 29.21 9.57 4.90
C SER A 326 28.89 8.43 5.89
N ASN A 327 28.08 8.73 6.92
CA ASN A 327 27.96 7.85 8.09
C ASN A 327 26.94 6.73 7.96
N TYR A 328 25.95 6.94 7.10
CA TYR A 328 24.78 6.11 7.06
C TYR A 328 24.43 5.80 5.60
N ASN A 329 24.09 4.55 5.36
CA ASN A 329 23.71 4.04 4.08
CA ASN A 329 23.64 4.29 4.02
C ASN A 329 22.20 3.83 3.90
N LEU A 330 21.54 3.63 5.06
CA LEU A 330 20.15 3.14 5.08
C LEU A 330 19.30 3.89 6.11
N LEU A 331 18.08 4.22 5.69
CA LEU A 331 16.99 4.63 6.65
C LEU A 331 16.08 3.43 6.88
N ASN A 332 15.92 3.02 8.15
CA ASN A 332 15.19 1.79 8.49
C ASN A 332 13.80 2.24 8.95
N ALA A 333 12.79 2.17 8.04
CA ALA A 333 11.42 2.64 8.34
C ALA A 333 10.44 1.49 8.58
N ALA A 334 9.57 1.69 9.59
CA ALA A 334 8.50 0.82 9.97
C ALA A 334 7.22 1.51 9.44
N TYR A 335 6.33 0.74 8.87
CA TYR A 335 5.07 1.28 8.23
C TYR A 335 3.90 0.62 8.92
N VAL A 336 2.94 1.43 9.36
CA VAL A 336 1.78 0.92 10.04
C VAL A 336 0.97 0.06 9.07
N HIS A 337 0.59 -1.13 9.53
CA HIS A 337 -0.11 -2.09 8.62
C HIS A 337 -1.51 -2.26 9.23
N TYR A 338 -2.14 -3.43 9.10
CA TYR A 338 -3.48 -3.57 9.76
C TYR A 338 -3.42 -3.66 11.25
N TYR A 339 -4.56 -3.36 11.89
CA TYR A 339 -4.68 -3.40 13.34
C TYR A 339 -6.20 -3.53 13.69
N ALA A 340 -6.47 -3.84 14.94
CA ALA A 340 -7.88 -3.74 15.49
C ALA A 340 -7.79 -3.62 16.98
N ALA A 341 -8.55 -2.68 17.56
CA ALA A 341 -8.68 -2.53 19.01
C ALA A 341 -10.14 -2.76 19.50
N THR A 342 -10.28 -3.62 20.51
CA THR A 342 -11.65 -3.86 21.05
C THR A 342 -11.67 -3.66 22.54
N SER A 343 -10.52 -3.65 23.17
CA SER A 343 -10.44 -3.58 24.61
C SER A 343 -9.73 -2.37 25.18
N ILE A 344 -9.01 -1.62 24.34
CA ILE A 344 -8.18 -0.49 24.84
C ILE A 344 -8.26 0.58 23.76
N PRO A 345 -7.95 1.85 24.13
CA PRO A 345 -8.08 2.89 23.10
C PRO A 345 -7.01 2.72 22.02
N LEU A 346 -7.33 3.13 20.81
CA LEU A 346 -6.39 2.93 19.65
C LEU A 346 -5.03 3.59 19.93
N HIS A 347 -5.00 4.77 20.59
CA HIS A 347 -3.69 5.40 20.88
C HIS A 347 -2.77 4.54 21.81
N GLN A 348 -3.41 3.78 22.73
CA GLN A 348 -2.70 3.02 23.71
C GLN A 348 -2.12 1.69 23.04
N LEU A 349 -2.85 1.22 22.05
CA LEU A 349 -2.40 0.06 21.28
C LEU A 349 -1.20 0.45 20.35
N ILE A 350 -1.33 1.59 19.71
CA ILE A 350 -0.26 2.00 18.75
C ILE A 350 0.98 2.51 19.45
N LEU A 351 0.85 3.01 20.71
CA LEU A 351 2.03 3.38 21.46
C LEU A 351 2.94 2.17 21.61
N ASP A 352 2.30 0.99 21.77
CA ASP A 352 3.11 -0.22 21.89
C ASP A 352 3.79 -0.57 20.58
N LEU A 353 3.13 -0.27 19.47
CA LEU A 353 3.78 -0.34 18.14
C LEU A 353 5.06 0.49 18.04
N LEU A 354 4.95 1.77 18.41
CA LEU A 354 6.13 2.66 18.43
C LEU A 354 7.23 2.10 19.35
N ILE A 355 6.85 1.57 20.51
CA ILE A 355 7.81 1.10 21.48
C ILE A 355 8.57 -0.17 20.97
N VAL A 356 7.80 -1.09 20.40
CA VAL A 356 8.45 -2.24 19.72
C VAL A 356 9.35 -1.91 18.55
N ALA A 357 8.87 -1.00 17.70
CA ALA A 357 9.65 -0.60 16.49
C ALA A 357 10.94 0.09 16.99
N HIS A 358 10.82 0.91 18.04
CA HIS A 358 12.01 1.60 18.49
C HIS A 358 13.04 0.57 19.06
N SER A 359 12.58 -0.39 19.84
CA SER A 359 13.49 -1.32 20.53
CA SER A 359 13.52 -1.30 20.51
C SER A 359 14.16 -2.25 19.51
N ARG A 360 13.45 -2.46 18.38
CA ARG A 360 13.99 -3.26 17.30
C ARG A 360 14.85 -2.49 16.31
N GLY A 361 15.17 -1.24 16.59
CA GLY A 361 16.13 -0.52 15.79
C GLY A 361 15.64 0.25 14.59
N PHE A 362 14.34 0.51 14.49
CA PHE A 362 13.73 1.35 13.44
C PHE A 362 13.94 2.81 13.71
N ASP A 363 14.10 3.61 12.65
CA ASP A 363 14.45 5.03 12.76
C ASP A 363 13.22 5.93 12.75
N VAL A 364 12.14 5.50 12.13
CA VAL A 364 10.93 6.32 11.89
C VAL A 364 9.77 5.37 11.65
N CYS A 365 8.56 5.79 12.10
CA CYS A 365 7.34 5.03 11.80
C CYS A 365 6.48 5.85 10.86
N ASN A 366 6.07 5.23 9.74
CA ASN A 366 5.32 5.96 8.71
C ASN A 366 3.91 5.38 8.41
N MET A 367 2.98 6.24 7.92
CA MET A 367 1.63 5.76 7.65
C MET A 367 0.93 6.83 6.77
N VAL A 368 -0.14 6.41 6.13
CA VAL A 368 -1.06 7.39 5.40
C VAL A 368 -2.29 7.56 6.30
N GLU A 369 -3.09 8.63 6.09
CA GLU A 369 -4.25 8.94 7.01
C GLU A 369 -5.51 8.10 6.53
N ILE A 370 -5.27 6.83 6.40
CA ILE A 370 -6.38 5.90 6.10
C ILE A 370 -6.83 5.30 7.41
N LEU A 371 -7.83 4.39 7.36
CA LEU A 371 -8.24 3.62 8.56
C LEU A 371 -8.60 4.64 9.70
N ASP A 372 -8.22 4.46 10.94
CA ASP A 372 -8.46 5.47 12.01
C ASP A 372 -7.13 6.13 12.42
N ASN A 373 -6.22 6.22 11.45
CA ASN A 373 -4.84 6.70 11.76
C ASN A 373 -4.85 8.16 12.35
N ARG A 374 -5.91 8.95 12.01
CA ARG A 374 -6.08 10.28 12.67
C ARG A 374 -6.29 10.33 14.21
N SER A 375 -6.94 9.33 14.77
CA SER A 375 -7.21 9.37 16.21
CA SER A 375 -7.21 9.31 16.22
C SER A 375 -5.96 9.33 17.07
N PHE A 376 -4.79 9.07 16.46
CA PHE A 376 -3.67 8.99 17.36
C PHE A 376 -2.44 9.88 16.93
N VAL A 377 -2.64 10.65 15.88
CA VAL A 377 -1.58 11.57 15.33
C VAL A 377 -1.07 12.54 16.35
N GLU A 378 -1.95 13.37 16.99
CA GLU A 378 -1.41 14.26 18.06
C GLU A 378 -0.82 13.66 19.30
N GLN A 379 -1.52 12.76 20.02
CA GLN A 379 -0.90 12.28 21.24
CA GLN A 379 -0.92 12.21 21.25
C GLN A 379 0.38 11.47 20.99
N LEU A 380 0.44 10.80 19.80
CA LEU A 380 1.62 9.95 19.51
C LEU A 380 2.69 10.69 18.70
N LYS A 381 2.47 11.98 18.47
CA LYS A 381 3.51 12.94 18.03
C LYS A 381 3.91 12.59 16.59
N PHE A 382 2.96 12.11 15.81
CA PHE A 382 3.18 12.07 14.37
C PHE A 382 3.09 13.44 13.79
N GLY A 383 3.88 13.65 12.76
CA GLY A 383 3.76 14.85 11.89
C GLY A 383 3.45 14.60 10.42
N ALA A 384 2.66 15.47 9.80
CA ALA A 384 2.32 15.39 8.35
C ALA A 384 3.61 15.55 7.55
N GLY A 385 3.79 14.68 6.54
CA GLY A 385 4.90 14.74 5.60
C GLY A 385 4.60 15.56 4.35
N ASP A 386 5.40 15.38 3.28
CA ASP A 386 5.15 16.16 2.05
C ASP A 386 4.24 15.50 1.05
N GLY A 387 3.37 16.25 0.41
CA GLY A 387 2.50 15.64 -0.63
C GLY A 387 1.36 14.72 -0.14
N HIS A 388 0.82 13.86 -1.03
CA HIS A 388 -0.36 13.07 -0.72
C HIS A 388 -0.27 11.77 -1.51
N LEU A 389 -0.81 10.74 -0.90
CA LEU A 389 -1.05 9.48 -1.63
C LEU A 389 -2.46 9.48 -2.25
N ARG A 390 -2.58 9.05 -3.50
CA ARG A 390 -3.87 9.11 -4.19
C ARG A 390 -4.24 7.62 -4.48
N TYR A 391 -5.54 7.35 -4.37
CA TYR A 391 -6.10 6.02 -4.59
C TYR A 391 -6.92 6.06 -5.88
N TYR A 392 -6.79 5.03 -6.66
CA TYR A 392 -7.40 4.96 -8.01
C TYR A 392 -8.04 3.61 -8.22
N PHE A 393 -9.09 3.57 -9.03
CA PHE A 393 -9.53 2.31 -9.73
C PHE A 393 -9.36 2.35 -11.24
N TYR A 394 -9.26 1.15 -11.83
CA TYR A 394 -9.23 0.99 -13.24
C TYR A 394 -10.57 0.37 -13.67
N ASN A 395 -11.31 1.05 -14.58
CA ASN A 395 -12.65 0.53 -15.01
C ASN A 395 -13.67 0.42 -13.88
N TRP A 396 -13.73 1.42 -13.05
CA TRP A 396 -14.65 1.50 -11.98
C TRP A 396 -15.01 2.89 -11.62
N ALA A 397 -16.25 3.24 -11.96
CA ALA A 397 -16.79 4.49 -11.53
C ALA A 397 -17.05 4.55 -10.04
N TYR A 398 -16.60 5.60 -9.42
CA TYR A 398 -16.72 5.66 -7.96
C TYR A 398 -16.86 7.08 -7.36
N PRO A 399 -17.85 7.31 -6.44
CA PRO A 399 -17.99 8.61 -5.76
C PRO A 399 -16.80 9.00 -4.86
N LYS A 400 -16.33 10.22 -4.99
CA LYS A 400 -15.21 10.71 -4.18
C LYS A 400 -15.47 10.38 -2.77
N ILE A 401 -14.49 9.83 -2.05
CA ILE A 401 -14.62 9.55 -0.60
C ILE A 401 -13.42 10.13 0.21
N LYS A 402 -13.62 10.22 1.53
CA LYS A 402 -12.59 10.78 2.44
C LYS A 402 -11.56 9.63 2.67
N PRO A 403 -10.27 9.96 2.91
CA PRO A 403 -9.34 8.79 3.16
C PRO A 403 -9.65 7.97 4.41
N SER A 404 -10.31 8.56 5.41
CA SER A 404 -10.82 7.80 6.56
C SER A 404 -11.99 6.81 6.21
N GLN A 405 -12.33 6.66 4.95
CA GLN A 405 -13.29 5.59 4.50
C GLN A 405 -12.57 4.53 3.68
N VAL A 406 -11.20 4.62 3.73
CA VAL A 406 -10.39 3.69 2.94
C VAL A 406 -9.67 2.76 3.92
N ALA A 407 -9.74 1.44 3.66
CA ALA A 407 -9.09 0.45 4.60
C ALA A 407 -8.11 -0.49 3.85
N LEU A 408 -7.71 -0.19 2.65
CA LEU A 408 -6.77 -1.00 1.89
C LEU A 408 -5.37 -0.41 2.14
N VAL A 409 -4.48 -1.21 2.78
CA VAL A 409 -3.03 -0.79 2.93
C VAL A 409 -2.29 -1.25 1.70
N MET A 410 -1.53 -0.34 1.07
CA MET A 410 -0.80 -0.71 -0.10
C MET A 410 0.71 -0.82 0.24
N LEU A 411 1.27 -1.99 0.00
CA LEU A 411 2.63 -2.27 0.49
C LEU A 411 3.69 -1.53 -0.38
MG MG B . 9.51 5.15 -21.02
C A62 C . 5.33 1.92 1.31
N A62 C . 2.72 2.97 -1.09
O A62 C . 4.51 0.88 1.84
CL A62 C . 4.90 7.98 4.90
C1 A62 C . 4.55 2.87 0.39
O1 A62 C . 0.94 3.56 -2.32
CL1 A62 C . 5.80 7.38 -1.56
C2 A62 C . 3.86 2.08 -0.73
O2 A62 C . 2.13 1.36 -5.67
C3 A62 C . 2.53 4.02 -0.04
C4 A62 C . 3.39 3.51 1.14
C5 A62 C . 3.84 4.67 2.02
C6 A62 C . 4.70 5.64 1.51
C7 A62 C . 5.05 6.69 2.40
C8 A62 C . 4.52 6.67 3.71
C9 A62 C . 3.63 5.78 4.23
C10 A62 C . 3.32 4.73 3.33
C11 A62 C . 1.93 2.83 -2.17
C12 A62 C . 2.22 1.73 -3.21
C13 A62 C . 2.32 2.33 -4.63
C14 A62 C . 3.74 2.83 -4.96
C15 A62 C . 4.25 3.97 -4.12
C16 A62 C . 5.45 3.77 -3.41
C17 A62 C . 5.89 4.85 -2.61
C18 A62 C . 5.17 6.05 -2.59
C19 A62 C . 3.99 6.25 -3.30
C20 A62 C . 3.54 5.17 -4.11
S1 MYA D . 3.03 4.06 -8.45
C2 MYA D . 4.87 3.84 -8.44
C3 MYA D . 5.31 4.21 -9.83
N4 MYA D . 6.76 4.01 -9.90
C5 MYA D . 7.69 4.99 -9.67
O5 MYA D . 7.37 6.17 -9.40
C6 MYA D . 9.14 4.54 -9.84
C7 MYA D . 10.04 5.58 -10.56
N8 MYA D . 9.48 6.08 -11.81
C9 MYA D . 9.41 5.28 -12.90
O9 MYA D . 9.86 4.14 -12.83
C10 MYA D . 8.84 5.80 -14.14
O10 MYA D . 8.84 7.23 -14.17
C11 MYA D . 7.36 5.36 -14.34
C12 MYA D . 6.84 6.10 -15.54
C13 MYA D . 6.43 5.69 -13.20
C14 MYA D . 7.28 3.84 -14.47
N1A MYA D . 1.07 5.41 -12.71
O1A MYA D . 6.97 7.90 -21.07
P1A MYA D . 6.52 6.97 -19.95
C1X MYA D . 1.93 8.05 -17.01
C2A MYA D . 0.40 5.45 -13.89
O2A MYA D . 6.92 5.59 -20.06
P2A MYA D . 8.25 7.14 -17.60
C2M MYA D . 2.54 2.48 -8.99
O2M MYA D . 3.33 1.50 -8.97
C2X MYA D . 2.03 9.51 -17.52
O2X MYA D . 1.00 10.25 -16.91
N3A MYA D . 0.78 6.21 -14.97
O3A MYA D . 7.03 7.63 -18.52
C3M MYA D . 1.12 2.31 -9.36
C3X MYA D . 2.04 9.26 -19.02
O3X MYA D . 0.75 9.10 -19.59
P3X MYA D . -0.07 10.29 -20.30
C4A MYA D . 1.86 7.01 -14.79
O4A MYA D . 9.37 6.56 -18.37
C4M MYA D . 1.07 2.04 -10.88
C4X MYA D . 2.77 8.00 -19.14
O4X MYA D . 2.77 7.35 -17.85
C5A MYA D . 2.60 7.03 -13.58
O5A MYA D . 8.46 8.33 -16.71
C5M MYA D . -0.37 2.06 -11.48
C5X MYA D . 4.20 8.26 -19.59
O5X MYA D . 4.94 7.08 -19.73
C6A MYA D . 2.16 6.23 -12.51
N6A MYA D . 2.82 6.18 -11.29
O6A MYA D . 7.59 5.90 -16.74
C6M MYA D . -0.28 1.82 -12.99
N7A MYA D . 3.64 7.93 -13.73
O7A MYA D . -1.52 9.80 -20.60
C7M MYA D . -1.70 1.78 -13.57
C8A MYA D . 3.53 8.43 -14.99
O8A MYA D . 0.79 10.59 -21.47
C8M MYA D . -2.34 0.37 -13.39
N9A MYA D . 2.44 7.84 -15.66
O9A MYA D . -0.28 11.24 -19.17
C9M MYA D . -3.70 0.45 -14.19
CAM MYA D . -4.48 -0.88 -14.11
CBM MYA D . -3.84 -2.01 -14.92
CCM MYA D . -4.53 -3.40 -14.67
CDM MYA D . -5.96 -3.46 -15.30
CEM MYA D . -6.65 -4.82 -15.01
CFM MYA D . -8.18 -4.77 -15.27
#